data_5HVT
#
_entry.id   5HVT
#
_cell.length_a   96.023
_cell.length_b   96.023
_cell.length_c   104.039
_cell.angle_alpha   90.000
_cell.angle_beta   90.000
_cell.angle_gamma   120.000
#
_symmetry.space_group_name_H-M   'P 31 2 1'
#
loop_
_entity.id
_entity.type
_entity.pdbx_description
1 polymer 'Macrophage migration inhibitory factor'
2 non-polymer 'SULFATE ION'
3 non-polymer 7-hydroxy-3-(4-methoxyphenyl)-3,4-dihydro-2H-1,3-benzoxazin-2-one
4 non-polymer GLYCEROL
5 non-polymer 'ISOPROPYL ALCOHOL'
6 water water
#
_entity_poly.entity_id   1
_entity_poly.type   'polypeptide(L)'
_entity_poly.pdbx_seq_one_letter_code
;PMFIVNTNVPRASVPDGFLSELTQQLAQATGKPPQYIAVHVVPDQLMAFGGSSEPCALCSLHSIGKIGGAQNRSYSKLLC
GLLAERLRISPDRVYINYYDMNAANVGWNNSTFA
;
_entity_poly.pdbx_strand_id   A,B,C
#
loop_
_chem_comp.id
_chem_comp.type
_chem_comp.name
_chem_comp.formula
GOL non-polymer GLYCEROL 'C3 H8 O3'
IPA non-polymer 'ISOPROPYL ALCOHOL' 'C3 H8 O'
NVS non-polymer 7-hydroxy-3-(4-methoxyphenyl)-3,4-dihydro-2H-1,3-benzoxazin-2-one 'C15 H13 N O4'
SO4 non-polymer 'SULFATE ION' 'O4 S -2'
#
# COMPACT_ATOMS: atom_id res chain seq x y z
N PRO A 1 -8.29 2.92 13.29
CA PRO A 1 -7.89 3.33 11.94
C PRO A 1 -6.43 3.19 11.65
N MET A 2 -6.10 3.18 10.37
N MET A 2 -6.13 3.23 10.36
CA MET A 2 -4.72 3.17 9.90
CA MET A 2 -4.80 3.18 9.83
C MET A 2 -4.56 4.28 8.84
C MET A 2 -4.63 4.37 8.88
N PHE A 3 -3.56 5.13 9.01
CA PHE A 3 -3.28 6.23 8.12
C PHE A 3 -1.83 6.15 7.64
N ILE A 4 -1.68 6.15 6.31
CA ILE A 4 -0.40 6.03 5.67
C ILE A 4 -0.15 7.24 4.81
N VAL A 5 1.04 7.81 4.92
CA VAL A 5 1.50 8.90 4.05
C VAL A 5 2.80 8.53 3.37
N ASN A 6 2.82 8.57 2.03
CA ASN A 6 4.01 8.47 1.24
C ASN A 6 4.28 9.85 0.61
N THR A 7 5.51 10.31 0.71
CA THR A 7 5.84 11.66 0.26
C THR A 7 7.29 11.73 -0.21
N ASN A 8 7.51 12.65 -1.14
CA ASN A 8 8.86 12.99 -1.59
C ASN A 8 9.56 14.01 -0.70
N VAL A 9 8.87 14.52 0.31
CA VAL A 9 9.51 15.39 1.32
C VAL A 9 10.60 14.57 2.07
N PRO A 10 11.79 15.15 2.28
CA PRO A 10 12.85 14.33 2.89
C PRO A 10 12.61 14.09 4.35
N ARG A 11 13.24 13.05 4.88
CA ARG A 11 13.00 12.62 6.27
C ARG A 11 13.25 13.74 7.27
N ALA A 12 14.29 14.56 7.06
CA ALA A 12 14.59 15.64 8.02
C ALA A 12 13.50 16.72 8.05
N SER A 13 12.66 16.78 7.02
CA SER A 13 11.58 17.75 6.95
C SER A 13 10.27 17.22 7.52
N VAL A 14 10.26 15.97 7.97
CA VAL A 14 9.11 15.41 8.70
C VAL A 14 9.34 15.64 10.19
N PRO A 15 8.52 16.51 10.83
CA PRO A 15 8.73 16.79 12.23
C PRO A 15 8.63 15.53 13.10
N ASP A 16 9.46 15.49 14.14
CA ASP A 16 9.51 14.34 15.03
C ASP A 16 8.15 14.06 15.67
N GLY A 17 7.34 15.10 15.87
CA GLY A 17 6.03 14.91 16.49
C GLY A 17 4.89 14.58 15.56
N PHE A 18 5.17 14.50 14.26
CA PHE A 18 4.08 14.39 13.29
C PHE A 18 3.19 13.13 13.48
N LEU A 19 3.81 11.98 13.76
N LEU A 19 3.76 11.97 13.76
CA LEU A 19 3.07 10.73 13.98
CA LEU A 19 2.92 10.78 13.92
C LEU A 19 2.09 10.86 15.14
C LEU A 19 2.04 10.86 15.16
N SER A 20 2.57 11.43 16.23
CA SER A 20 1.75 11.67 17.42
C SER A 20 0.67 12.73 17.13
N GLU A 21 1.00 13.78 16.38
CA GLU A 21 -0.04 14.76 16.03
C GLU A 21 -1.15 14.15 15.20
N LEU A 22 -0.76 13.36 14.20
CA LEU A 22 -1.76 12.68 13.35
C LEU A 22 -2.64 11.74 14.19
N THR A 23 -2.00 11.01 15.12
CA THR A 23 -2.74 10.02 15.92
C THR A 23 -3.81 10.72 16.72
N GLN A 24 -3.44 11.83 17.37
CA GLN A 24 -4.36 12.56 18.21
C GLN A 24 -5.49 13.22 17.41
N GLN A 25 -5.13 13.84 16.31
CA GLN A 25 -6.11 14.52 15.47
C GLN A 25 -7.07 13.55 14.79
N LEU A 26 -6.55 12.40 14.38
CA LEU A 26 -7.40 11.34 13.79
C LEU A 26 -8.36 10.76 14.81
N ALA A 27 -7.92 10.67 16.08
CA ALA A 27 -8.80 10.18 17.12
C ALA A 27 -9.98 11.10 17.25
N GLN A 28 -9.71 12.40 17.31
CA GLN A 28 -10.79 13.37 17.38
C GLN A 28 -11.70 13.32 16.17
N ALA A 29 -11.13 13.22 14.98
CA ALA A 29 -11.95 13.33 13.77
C ALA A 29 -12.84 12.09 13.53
N THR A 30 -12.33 10.92 13.88
CA THR A 30 -13.02 9.65 13.64
C THR A 30 -13.88 9.22 14.82
N GLY A 31 -13.60 9.77 15.99
CA GLY A 31 -14.29 9.36 17.20
C GLY A 31 -13.73 8.06 17.77
N LYS A 32 -12.65 7.54 17.19
CA LYS A 32 -12.04 6.30 17.67
C LYS A 32 -10.94 6.65 18.65
N PRO A 33 -10.89 5.96 19.78
CA PRO A 33 -9.83 6.24 20.74
C PRO A 33 -8.43 6.06 20.13
N PRO A 34 -7.47 6.86 20.57
CA PRO A 34 -6.17 6.88 19.94
C PRO A 34 -5.36 5.57 20.08
N GLN A 35 -5.67 4.76 21.09
CA GLN A 35 -4.95 3.49 21.22
C GLN A 35 -5.21 2.54 20.05
N TYR A 36 -6.27 2.78 19.26
CA TYR A 36 -6.57 1.96 18.10
C TYR A 36 -5.94 2.46 16.79
N ILE A 37 -5.34 3.66 16.84
CA ILE A 37 -4.93 4.31 15.62
C ILE A 37 -3.46 4.08 15.33
N ALA A 38 -3.19 3.65 14.10
CA ALA A 38 -1.86 3.43 13.63
C ALA A 38 -1.53 4.41 12.51
N VAL A 39 -0.30 4.92 12.52
CA VAL A 39 0.16 5.94 11.55
C VAL A 39 1.49 5.50 10.99
N HIS A 40 1.70 5.75 9.70
CA HIS A 40 2.92 5.34 9.02
C HIS A 40 3.25 6.44 8.03
N VAL A 41 4.46 6.97 8.12
CA VAL A 41 4.92 8.04 7.26
C VAL A 41 6.17 7.59 6.53
N VAL A 42 6.17 7.72 5.22
CA VAL A 42 7.27 7.29 4.37
C VAL A 42 7.84 8.43 3.55
N PRO A 43 8.97 9.03 4.00
CA PRO A 43 9.57 10.18 3.30
C PRO A 43 10.53 9.75 2.22
N ASP A 44 11.13 10.72 1.54
CA ASP A 44 12.18 10.49 0.57
C ASP A 44 11.77 9.67 -0.65
N GLN A 45 10.48 9.68 -0.98
CA GLN A 45 9.98 8.86 -2.07
C GLN A 45 10.19 9.46 -3.44
N LEU A 46 10.36 8.58 -4.42
CA LEU A 46 10.51 8.97 -5.82
C LEU A 46 9.10 9.04 -6.38
N MET A 47 8.57 10.26 -6.49
CA MET A 47 7.18 10.46 -6.90
C MET A 47 7.01 11.63 -7.84
N ALA A 48 5.91 11.60 -8.56
CA ALA A 48 5.52 12.75 -9.37
C ALA A 48 4.02 12.87 -9.31
N PHE A 49 3.55 14.12 -9.38
CA PHE A 49 2.13 14.42 -9.32
C PHE A 49 1.93 15.44 -10.45
N GLY A 50 1.10 15.08 -11.41
CA GLY A 50 0.91 15.86 -12.63
C GLY A 50 2.17 16.09 -13.40
N GLY A 51 3.07 15.12 -13.31
CA GLY A 51 4.34 15.18 -14.01
C GLY A 51 5.39 16.02 -13.35
N SER A 52 5.12 16.59 -12.18
CA SER A 52 6.04 17.50 -11.50
C SER A 52 6.55 16.82 -10.24
N SER A 53 7.79 17.08 -9.86
CA SER A 53 8.38 16.48 -8.66
C SER A 53 8.45 17.45 -7.47
N GLU A 54 7.65 18.52 -7.50
CA GLU A 54 7.49 19.37 -6.33
C GLU A 54 6.81 18.54 -5.21
N PRO A 55 6.91 19.01 -3.97
CA PRO A 55 6.40 18.21 -2.84
C PRO A 55 4.97 17.74 -3.05
N CYS A 56 4.71 16.47 -2.75
CA CYS A 56 3.39 15.91 -2.92
C CYS A 56 3.23 14.76 -1.92
N ALA A 57 2.00 14.26 -1.75
CA ALA A 57 1.74 13.12 -0.84
C ALA A 57 0.62 12.26 -1.39
N LEU A 58 0.83 10.95 -1.27
CA LEU A 58 -0.19 9.95 -1.58
C LEU A 58 -0.46 9.21 -0.30
N CYS A 59 -1.71 9.27 0.14
CA CYS A 59 -2.09 8.80 1.45
C CYS A 59 -3.22 7.82 1.37
N SER A 60 -3.39 7.04 2.44
N SER A 60 -3.38 7.07 2.46
CA SER A 60 -4.60 6.26 2.60
CA SER A 60 -4.48 6.13 2.64
C SER A 60 -5.06 6.26 4.04
C SER A 60 -5.05 6.24 4.06
N LEU A 61 -6.38 6.31 4.21
CA LEU A 61 -7.01 6.21 5.49
C LEU A 61 -8.00 5.04 5.46
N HIS A 62 -7.76 4.07 6.32
CA HIS A 62 -8.59 2.87 6.46
C HIS A 62 -9.29 2.97 7.81
N SER A 63 -10.59 2.68 7.83
CA SER A 63 -11.33 2.67 9.11
C SER A 63 -12.47 1.68 8.99
N ILE A 64 -12.84 1.05 10.11
CA ILE A 64 -14.01 0.18 10.15
C ILE A 64 -15.17 1.11 10.47
N GLY A 65 -15.89 1.53 9.46
CA GLY A 65 -16.93 2.52 9.61
C GLY A 65 -16.29 3.89 9.68
N LYS A 66 -17.11 4.92 9.90
CA LYS A 66 -16.61 6.31 9.93
C LYS A 66 -15.99 6.83 8.61
N ILE A 67 -16.40 6.21 7.52
CA ILE A 67 -16.02 6.53 6.15
C ILE A 67 -17.28 6.79 5.37
N GLY A 68 -17.29 7.88 4.62
CA GLY A 68 -18.45 8.20 3.80
C GLY A 68 -18.31 9.57 3.16
N GLY A 69 -19.25 9.92 2.28
CA GLY A 69 -19.12 11.13 1.50
C GLY A 69 -18.81 12.37 2.33
N ALA A 70 -19.65 12.64 3.33
CA ALA A 70 -19.47 13.85 4.14
C ALA A 70 -18.24 13.75 5.05
N GLN A 71 -18.09 12.60 5.70
CA GLN A 71 -16.96 12.41 6.58
C GLN A 71 -15.63 12.54 5.84
N ASN A 72 -15.56 11.99 4.63
CA ASN A 72 -14.35 12.04 3.85
C ASN A 72 -14.01 13.46 3.39
N ARG A 73 -15.02 14.25 3.03
CA ARG A 73 -14.82 15.67 2.77
C ARG A 73 -14.18 16.41 3.96
N SER A 74 -14.61 16.09 5.17
CA SER A 74 -14.04 16.69 6.38
C SER A 74 -12.63 16.20 6.67
N TYR A 75 -12.40 14.90 6.50
CA TYR A 75 -11.07 14.37 6.72
C TYR A 75 -10.06 14.99 5.77
N SER A 76 -10.45 15.23 4.52
CA SER A 76 -9.54 15.85 3.58
C SER A 76 -9.10 17.26 4.01
N LYS A 77 -10.00 18.03 4.60
CA LYS A 77 -9.62 19.34 5.15
C LYS A 77 -8.64 19.19 6.31
N LEU A 78 -8.91 18.25 7.18
CA LEU A 78 -8.04 18.03 8.35
C LEU A 78 -6.65 17.63 7.87
N LEU A 79 -6.60 16.64 6.98
CA LEU A 79 -5.33 16.06 6.56
C LEU A 79 -4.56 16.98 5.62
N CYS A 80 -5.24 17.67 4.71
CA CYS A 80 -4.55 18.68 3.91
C CYS A 80 -3.96 19.79 4.78
N GLY A 81 -4.68 20.16 5.84
CA GLY A 81 -4.23 21.18 6.77
C GLY A 81 -2.93 20.78 7.44
N LEU A 82 -2.91 19.55 7.92
CA LEU A 82 -1.75 19.00 8.59
C LEU A 82 -0.54 18.86 7.66
N LEU A 83 -0.76 18.33 6.47
CA LEU A 83 0.33 18.15 5.53
C LEU A 83 0.84 19.48 5.04
N ALA A 84 -0.07 20.44 4.84
CA ALA A 84 0.34 21.78 4.46
C ALA A 84 1.25 22.40 5.53
N GLU A 85 0.81 22.36 6.78
CA GLU A 85 1.55 23.07 7.84
C GLU A 85 2.84 22.34 8.19
N ARG A 86 2.76 21.02 8.38
CA ARG A 86 3.95 20.30 8.89
C ARG A 86 4.94 19.90 7.82
N LEU A 87 4.46 19.58 6.63
CA LEU A 87 5.34 19.13 5.54
C LEU A 87 5.44 20.13 4.39
N ARG A 88 4.72 21.25 4.47
CA ARG A 88 4.77 22.30 3.44
C ARG A 88 4.35 21.81 2.05
N ILE A 89 3.37 20.92 2.02
CA ILE A 89 2.86 20.38 0.77
C ILE A 89 1.60 21.16 0.37
N SER A 90 1.54 21.65 -0.87
N SER A 90 1.53 21.60 -0.88
CA SER A 90 0.34 22.31 -1.40
CA SER A 90 0.32 22.18 -1.42
C SER A 90 -0.81 21.30 -1.49
C SER A 90 -0.83 21.20 -1.37
N PRO A 91 -2.02 21.68 -0.99
CA PRO A 91 -3.15 20.76 -0.89
C PRO A 91 -3.66 20.18 -2.20
N ASP A 92 -3.32 20.83 -3.32
CA ASP A 92 -3.66 20.30 -4.63
C ASP A 92 -2.63 19.30 -5.14
N ARG A 93 -1.68 18.92 -4.28
CA ARG A 93 -0.71 17.86 -4.55
C ARG A 93 -0.79 16.72 -3.53
N VAL A 94 -2.01 16.51 -3.04
CA VAL A 94 -2.31 15.51 -2.01
C VAL A 94 -3.47 14.68 -2.51
N TYR A 95 -3.26 13.37 -2.59
CA TYR A 95 -4.36 12.45 -2.72
C TYR A 95 -4.50 11.61 -1.45
N ILE A 96 -5.74 11.38 -1.06
CA ILE A 96 -6.07 10.49 0.06
C ILE A 96 -7.10 9.47 -0.36
N ASN A 97 -6.72 8.18 -0.33
CA ASN A 97 -7.65 7.12 -0.64
C ASN A 97 -8.32 6.67 0.66
N TYR A 98 -9.65 6.63 0.68
CA TYR A 98 -10.40 6.26 1.86
C TYR A 98 -10.93 4.85 1.70
N TYR A 99 -10.85 4.05 2.76
CA TYR A 99 -11.25 2.63 2.72
C TYR A 99 -12.11 2.32 3.93
N ASP A 100 -13.34 1.90 3.67
CA ASP A 100 -14.24 1.45 4.75
C ASP A 100 -14.00 -0.05 4.84
N MET A 101 -13.33 -0.48 5.89
CA MET A 101 -12.94 -1.89 6.01
C MET A 101 -14.06 -2.66 6.73
N ASN A 102 -14.37 -3.84 6.22
CA ASN A 102 -15.15 -4.79 7.01
C ASN A 102 -14.33 -5.32 8.17
N ALA A 103 -14.95 -5.42 9.35
CA ALA A 103 -14.26 -5.92 10.53
C ALA A 103 -13.68 -7.32 10.34
N ALA A 104 -14.36 -8.15 9.54
CA ALA A 104 -13.87 -9.49 9.23
C ALA A 104 -12.56 -9.51 8.46
N ASN A 105 -12.22 -8.38 7.81
CA ASN A 105 -11.05 -8.28 6.96
C ASN A 105 -9.97 -7.43 7.62
N VAL A 106 -10.07 -7.27 8.95
CA VAL A 106 -8.99 -6.64 9.70
C VAL A 106 -8.51 -7.56 10.81
N GLY A 107 -7.27 -8.01 10.69
CA GLY A 107 -6.63 -8.82 11.68
C GLY A 107 -5.88 -8.03 12.72
N TRP A 108 -5.85 -8.58 13.92
CA TRP A 108 -5.21 -7.93 15.07
C TRP A 108 -5.14 -8.97 16.16
N ASN A 109 -3.99 -9.06 16.82
CA ASN A 109 -3.85 -9.85 18.06
C ASN A 109 -4.30 -11.29 17.83
N ASN A 110 -3.78 -11.90 16.79
CA ASN A 110 -4.06 -13.33 16.46
C ASN A 110 -5.43 -13.64 15.93
N SER A 111 -6.27 -12.62 15.74
CA SER A 111 -7.62 -12.84 15.32
C SER A 111 -8.06 -11.72 14.38
N THR A 112 -9.35 -11.49 14.30
CA THR A 112 -9.93 -10.37 13.56
C THR A 112 -10.96 -9.67 14.40
N PHE A 113 -11.45 -8.54 13.91
CA PHE A 113 -12.41 -7.74 14.67
C PHE A 113 -13.85 -8.22 14.51
N ALA A 114 -14.08 -9.17 13.60
CA ALA A 114 -15.45 -9.69 13.35
C ALA A 114 -16.06 -10.33 14.59
N PRO B 1 -1.18 -15.13 -4.22
CA PRO B 1 -1.35 -14.08 -3.19
C PRO B 1 -0.18 -13.14 -3.08
N MET B 2 -0.42 -11.99 -2.47
N MET B 2 -0.42 -12.00 -2.46
CA MET B 2 0.69 -11.13 -2.10
CA MET B 2 0.69 -11.10 -2.13
C MET B 2 0.52 -10.68 -0.66
C MET B 2 0.53 -10.64 -0.68
N PHE B 3 1.65 -10.70 0.04
CA PHE B 3 1.70 -10.35 1.45
C PHE B 3 2.75 -9.28 1.65
N ILE B 4 2.33 -8.17 2.26
CA ILE B 4 3.21 -7.03 2.52
C ILE B 4 3.26 -6.76 4.03
N VAL B 5 4.46 -6.61 4.57
CA VAL B 5 4.66 -6.22 5.98
C VAL B 5 5.46 -4.95 6.01
N ASN B 6 4.90 -3.91 6.63
CA ASN B 6 5.68 -2.73 6.93
C ASN B 6 5.90 -2.69 8.42
N THR B 7 7.15 -2.48 8.84
CA THR B 7 7.47 -2.50 10.27
C THR B 7 8.55 -1.49 10.61
N ASN B 8 8.53 -1.05 11.88
CA ASN B 8 9.59 -0.20 12.39
C ASN B 8 10.77 -0.99 12.93
N VAL B 9 10.70 -2.32 12.95
CA VAL B 9 11.87 -3.06 13.42
C VAL B 9 13.00 -2.90 12.40
N PRO B 10 14.25 -2.89 12.89
CA PRO B 10 15.38 -2.67 11.97
C PRO B 10 15.65 -3.83 11.02
N ARG B 11 16.25 -3.53 9.87
CA ARG B 11 16.50 -4.54 8.86
C ARG B 11 17.30 -5.73 9.45
N ALA B 12 18.28 -5.45 10.31
CA ALA B 12 19.11 -6.52 10.88
C ALA B 12 18.34 -7.51 11.73
N SER B 13 17.18 -7.10 12.24
CA SER B 13 16.30 -7.95 13.00
C SER B 13 15.44 -8.92 12.17
N VAL B 14 15.42 -8.75 10.85
CA VAL B 14 14.69 -9.69 9.99
C VAL B 14 15.61 -10.90 9.75
N PRO B 15 15.21 -12.08 10.20
CA PRO B 15 16.17 -13.19 10.07
C PRO B 15 16.34 -13.64 8.63
N ASP B 16 17.53 -14.12 8.32
CA ASP B 16 17.75 -14.77 7.03
C ASP B 16 16.70 -15.83 6.81
N GLY B 17 16.14 -15.88 5.61
CA GLY B 17 15.12 -16.86 5.28
C GLY B 17 13.68 -16.46 5.58
N PHE B 18 13.46 -15.31 6.18
CA PHE B 18 12.10 -14.91 6.57
C PHE B 18 11.15 -14.85 5.37
N LEU B 19 11.60 -14.32 4.22
CA LEU B 19 10.68 -14.25 3.07
C LEU B 19 10.36 -15.62 2.48
N SER B 20 11.33 -16.54 2.54
CA SER B 20 11.09 -17.95 2.18
C SER B 20 10.08 -18.56 3.11
N GLU B 21 10.24 -18.38 4.42
CA GLU B 21 9.28 -18.92 5.37
C GLU B 21 7.85 -18.40 5.12
N LEU B 22 7.71 -17.09 4.92
CA LEU B 22 6.39 -16.53 4.65
C LEU B 22 5.80 -17.17 3.39
N THR B 23 6.60 -17.32 2.36
CA THR B 23 6.13 -17.90 1.10
C THR B 23 5.58 -19.33 1.33
N GLN B 24 6.37 -20.13 2.05
CA GLN B 24 6.00 -21.51 2.33
C GLN B 24 4.79 -21.64 3.23
N GLN B 25 4.72 -20.83 4.28
CA GLN B 25 3.59 -20.90 5.19
C GLN B 25 2.30 -20.38 4.53
N LEU B 26 2.41 -19.31 3.76
CA LEU B 26 1.24 -18.80 3.04
C LEU B 26 0.73 -19.78 1.99
N ALA B 27 1.63 -20.50 1.32
CA ALA B 27 1.18 -21.59 0.40
C ALA B 27 0.33 -22.62 1.13
N GLN B 28 0.78 -23.04 2.33
N GLN B 28 0.75 -23.08 2.31
CA GLN B 28 0.07 -24.03 3.13
CA GLN B 28 -0.06 -24.06 3.04
C GLN B 28 -1.28 -23.50 3.66
C GLN B 28 -1.36 -23.44 3.50
N ALA B 29 -1.30 -22.23 4.03
CA ALA B 29 -2.49 -21.61 4.61
C ALA B 29 -3.56 -21.30 3.57
N THR B 30 -3.15 -20.89 2.39
CA THR B 30 -4.13 -20.48 1.37
C THR B 30 -4.46 -21.59 0.36
N GLY B 31 -3.59 -22.59 0.30
CA GLY B 31 -3.66 -23.65 -0.71
C GLY B 31 -3.14 -23.27 -2.08
N LYS B 32 -2.63 -22.06 -2.24
CA LYS B 32 -2.13 -21.57 -3.49
C LYS B 32 -0.70 -22.02 -3.71
N PRO B 33 -0.31 -22.23 -4.97
CA PRO B 33 1.08 -22.67 -5.20
C PRO B 33 2.11 -21.62 -4.86
N PRO B 34 3.20 -22.06 -4.23
CA PRO B 34 4.15 -21.09 -3.73
C PRO B 34 4.80 -20.29 -4.85
N GLN B 35 4.76 -20.81 -6.08
CA GLN B 35 5.47 -20.13 -7.15
C GLN B 35 4.74 -18.84 -7.53
N TYR B 36 3.50 -18.71 -7.09
CA TYR B 36 2.69 -17.51 -7.39
C TYR B 36 2.50 -16.61 -6.17
N ILE B 37 3.16 -16.93 -5.07
CA ILE B 37 3.03 -16.10 -3.85
C ILE B 37 4.13 -15.05 -3.85
N ALA B 38 3.74 -13.79 -3.65
CA ALA B 38 4.70 -12.72 -3.55
C ALA B 38 4.71 -12.20 -2.11
N VAL B 39 5.92 -11.89 -1.64
CA VAL B 39 6.14 -11.37 -0.27
C VAL B 39 7.05 -10.13 -0.33
N HIS B 40 6.77 -9.14 0.54
CA HIS B 40 7.45 -7.87 0.51
C HIS B 40 7.55 -7.42 1.96
N VAL B 41 8.78 -7.23 2.46
CA VAL B 41 8.99 -6.84 3.83
C VAL B 41 9.74 -5.50 3.82
N VAL B 42 9.22 -4.53 4.58
CA VAL B 42 9.74 -3.18 4.61
C VAL B 42 10.06 -2.78 6.05
N PRO B 43 11.33 -2.96 6.44
CA PRO B 43 11.74 -2.62 7.79
C PRO B 43 12.15 -1.16 7.95
N ASP B 44 12.49 -0.77 9.17
CA ASP B 44 13.01 0.56 9.46
C ASP B 44 12.01 1.70 9.17
N GLN B 45 10.72 1.40 9.25
CA GLN B 45 9.72 2.42 8.93
C GLN B 45 9.47 3.36 10.09
N LEU B 46 9.05 4.56 9.74
CA LEU B 46 8.56 5.55 10.70
C LEU B 46 7.07 5.27 10.96
N MET B 47 6.79 4.64 12.10
CA MET B 47 5.42 4.25 12.44
C MET B 47 5.07 4.43 13.88
N ALA B 48 3.78 4.51 14.14
CA ALA B 48 3.27 4.46 15.49
C ALA B 48 2.01 3.64 15.53
N PHE B 49 1.72 3.04 16.69
CA PHE B 49 0.55 2.23 16.90
C PHE B 49 0.03 2.60 18.29
N GLY B 50 -1.15 3.21 18.35
CA GLY B 50 -1.70 3.70 19.59
C GLY B 50 -0.90 4.84 20.17
N GLY B 51 -0.12 5.51 19.33
CA GLY B 51 0.75 6.60 19.74
C GLY B 51 2.09 6.12 20.29
N SER B 52 2.30 4.83 20.31
CA SER B 52 3.58 4.27 20.77
C SER B 52 4.46 3.91 19.59
N SER B 53 5.74 4.19 19.72
CA SER B 53 6.72 3.86 18.70
C SER B 53 7.46 2.54 18.95
N GLU B 54 6.95 1.74 19.87
CA GLU B 54 7.48 0.40 20.14
C GLU B 54 7.22 -0.50 18.91
N PRO B 55 7.87 -1.66 18.82
CA PRO B 55 7.75 -2.48 17.59
C PRO B 55 6.32 -2.75 17.24
N CYS B 56 6.00 -2.55 15.95
CA CYS B 56 4.68 -2.77 15.43
C CYS B 56 4.76 -3.16 13.95
N ALA B 57 3.62 -3.60 13.41
CA ALA B 57 3.55 -3.89 11.98
C ALA B 57 2.19 -3.60 11.39
N LEU B 58 2.22 -3.16 10.14
CA LEU B 58 1.01 -2.96 9.36
C LEU B 58 1.17 -3.79 8.12
N CYS B 59 0.23 -4.72 7.91
CA CYS B 59 0.35 -5.70 6.85
C CYS B 59 -0.85 -5.73 5.94
N SER B 60 -0.69 -6.31 4.77
N SER B 60 -0.68 -6.32 4.76
CA SER B 60 -1.82 -6.64 3.91
CA SER B 60 -1.78 -6.56 3.83
C SER B 60 -1.63 -7.99 3.29
C SER B 60 -1.63 -7.96 3.26
N LEU B 61 -2.74 -8.69 3.17
CA LEU B 61 -2.76 -9.96 2.40
C LEU B 61 -3.84 -9.82 1.35
N HIS B 62 -3.42 -9.88 0.09
CA HIS B 62 -4.35 -9.91 -1.04
C HIS B 62 -4.40 -11.34 -1.60
N SER B 63 -5.60 -11.85 -1.86
CA SER B 63 -5.76 -13.16 -2.52
C SER B 63 -6.99 -13.15 -3.42
N ILE B 64 -6.94 -13.94 -4.50
CA ILE B 64 -8.12 -14.16 -5.35
C ILE B 64 -8.90 -15.30 -4.69
N GLY B 65 -9.95 -14.95 -3.96
CA GLY B 65 -10.63 -15.90 -3.08
C GLY B 65 -9.75 -16.31 -1.89
N LYS B 66 -10.21 -17.30 -1.14
CA LYS B 66 -9.54 -17.79 0.10
C LYS B 66 -9.48 -16.72 1.19
N ILE B 67 -10.42 -15.79 1.14
CA ILE B 67 -10.55 -14.71 2.12
C ILE B 67 -11.95 -14.79 2.71
N GLY B 68 -12.05 -14.77 4.02
CA GLY B 68 -13.34 -14.71 4.67
C GLY B 68 -13.22 -14.79 6.17
N GLY B 69 -14.36 -14.84 6.86
CA GLY B 69 -14.38 -14.77 8.33
C GLY B 69 -13.45 -15.72 9.02
N ALA B 70 -13.67 -17.02 8.82
CA ALA B 70 -12.89 -18.03 9.51
C ALA B 70 -11.47 -18.09 8.97
N GLN B 71 -11.33 -17.99 7.65
CA GLN B 71 -10.02 -18.06 7.05
C GLN B 71 -9.14 -16.92 7.54
N ASN B 72 -9.71 -15.72 7.61
CA ASN B 72 -8.91 -14.57 8.05
C ASN B 72 -8.47 -14.67 9.52
N ARG B 73 -9.29 -15.27 10.38
N ARG B 73 -9.31 -15.25 10.38
CA ARG B 73 -8.90 -15.48 11.77
CA ARG B 73 -8.93 -15.53 11.77
C ARG B 73 -7.71 -16.46 11.83
C ARG B 73 -7.69 -16.43 11.79
N SER B 74 -7.74 -17.48 10.97
CA SER B 74 -6.65 -18.42 10.86
C SER B 74 -5.38 -17.77 10.30
N TYR B 75 -5.51 -16.95 9.26
CA TYR B 75 -4.34 -16.24 8.76
C TYR B 75 -3.76 -15.29 9.83
N SER B 76 -4.62 -14.63 10.61
CA SER B 76 -4.11 -13.72 11.61
C SER B 76 -3.30 -14.44 12.69
N LYS B 77 -3.77 -15.60 13.11
CA LYS B 77 -3.04 -16.39 14.10
C LYS B 77 -1.68 -16.79 13.54
N LEU B 78 -1.67 -17.28 12.31
CA LEU B 78 -0.45 -17.70 11.68
C LEU B 78 0.56 -16.56 11.56
N LEU B 79 0.09 -15.45 11.00
CA LEU B 79 0.99 -14.36 10.68
C LEU B 79 1.44 -13.56 11.92
N CYS B 80 0.53 -13.34 12.89
CA CYS B 80 0.94 -12.72 14.15
C CYS B 80 1.95 -13.59 14.86
N GLY B 81 1.75 -14.92 14.78
CA GLY B 81 2.69 -15.86 15.36
C GLY B 81 4.06 -15.69 14.79
N LEU B 82 4.14 -15.57 13.47
CA LEU B 82 5.42 -15.44 12.82
C LEU B 82 6.07 -14.09 13.14
N LEU B 83 5.27 -13.03 13.13
CA LEU B 83 5.84 -11.73 13.41
C LEU B 83 6.37 -11.67 14.85
N ALA B 84 5.71 -12.34 15.77
CA ALA B 84 6.14 -12.36 17.16
C ALA B 84 7.42 -13.18 17.32
N GLU B 85 7.44 -14.38 16.76
N GLU B 85 7.41 -14.39 16.75
CA GLU B 85 8.59 -15.27 16.95
CA GLU B 85 8.54 -15.33 16.87
C GLU B 85 9.80 -14.82 16.14
C GLU B 85 9.77 -14.79 16.17
N ARG B 86 9.60 -14.32 14.94
CA ARG B 86 10.72 -13.96 14.09
C ARG B 86 11.15 -12.52 14.18
N LEU B 87 10.19 -11.59 14.33
CA LEU B 87 10.52 -10.18 14.43
C LEU B 87 10.37 -9.59 15.85
N ARG B 88 9.87 -10.38 16.80
CA ARG B 88 9.67 -9.94 18.20
C ARG B 88 8.68 -8.79 18.28
N ILE B 89 7.67 -8.82 17.42
CA ILE B 89 6.56 -7.86 17.49
C ILE B 89 5.38 -8.47 18.19
N SER B 90 4.90 -7.80 19.23
CA SER B 90 3.70 -8.23 19.91
C SER B 90 2.47 -8.28 18.99
N PRO B 91 1.70 -9.38 19.05
CA PRO B 91 0.51 -9.52 18.22
C PRO B 91 -0.52 -8.40 18.40
N ASP B 92 -0.55 -7.78 19.58
CA ASP B 92 -1.47 -6.69 19.81
C ASP B 92 -0.97 -5.37 19.23
N ARG B 93 0.16 -5.39 18.51
CA ARG B 93 0.70 -4.23 17.77
C ARG B 93 0.84 -4.53 16.26
N VAL B 94 -0.02 -5.38 15.79
CA VAL B 94 -0.07 -5.81 14.40
C VAL B 94 -1.47 -5.59 13.87
N TYR B 95 -1.56 -4.91 12.72
CA TYR B 95 -2.78 -4.93 11.95
C TYR B 95 -2.52 -5.61 10.62
N ILE B 96 -3.47 -6.44 10.20
CA ILE B 96 -3.42 -7.06 8.85
C ILE B 96 -4.72 -6.77 8.10
N ASN B 97 -4.59 -6.14 6.94
CA ASN B 97 -5.73 -5.86 6.09
C ASN B 97 -5.85 -6.97 5.05
N TYR B 98 -7.02 -7.58 4.98
CA TYR B 98 -7.30 -8.66 4.02
C TYR B 98 -8.13 -8.13 2.87
N TYR B 99 -7.75 -8.51 1.64
CA TYR B 99 -8.41 -8.09 0.40
C TYR B 99 -8.73 -9.31 -0.46
N ASP B 100 -10.00 -9.55 -0.67
CA ASP B 100 -10.44 -10.57 -1.64
C ASP B 100 -10.49 -9.90 -3.03
N MET B 101 -9.53 -10.20 -3.90
CA MET B 101 -9.43 -9.51 -5.20
C MET B 101 -10.22 -10.26 -6.27
N ASN B 102 -10.91 -9.51 -7.11
N ASN B 102 -10.93 -9.53 -7.10
CA ASN B 102 -11.49 -10.07 -8.32
CA ASN B 102 -11.51 -10.12 -8.31
C ASN B 102 -10.37 -10.41 -9.28
C ASN B 102 -10.38 -10.42 -9.27
N ALA B 103 -10.42 -11.60 -9.89
CA ALA B 103 -9.35 -12.01 -10.82
C ALA B 103 -9.13 -11.01 -11.95
N ALA B 104 -10.19 -10.35 -12.40
CA ALA B 104 -10.12 -9.40 -13.51
C ALA B 104 -9.42 -8.13 -13.10
N ASN B 105 -9.22 -7.95 -11.80
CA ASN B 105 -8.53 -6.78 -11.27
C ASN B 105 -7.12 -7.07 -10.80
N VAL B 106 -6.58 -8.22 -11.24
CA VAL B 106 -5.18 -8.55 -10.97
C VAL B 106 -4.42 -8.81 -12.27
N GLY B 107 -3.47 -7.94 -12.54
CA GLY B 107 -2.59 -8.04 -13.71
C GLY B 107 -1.36 -8.89 -13.42
N TRP B 108 -0.94 -9.64 -14.44
CA TRP B 108 0.23 -10.53 -14.38
C TRP B 108 0.59 -10.94 -15.81
N ASN B 109 1.87 -11.01 -16.14
CA ASN B 109 2.29 -11.62 -17.43
C ASN B 109 1.61 -11.01 -18.65
N ASN B 110 1.54 -9.69 -18.68
CA ASN B 110 0.98 -8.92 -19.82
C ASN B 110 -0.53 -8.97 -19.96
N SER B 111 -1.24 -9.55 -18.98
CA SER B 111 -2.67 -9.72 -19.05
C SER B 111 -3.22 -9.68 -17.62
N THR B 112 -4.40 -10.24 -17.41
CA THR B 112 -4.97 -10.40 -16.07
C THR B 112 -5.41 -11.84 -15.90
N PHE B 113 -5.69 -12.22 -14.66
CA PHE B 113 -6.25 -13.52 -14.38
C PHE B 113 -7.75 -13.52 -14.69
N ALA B 114 -8.37 -14.68 -14.60
CA ALA B 114 -9.84 -14.70 -14.70
C ALA B 114 -10.45 -15.79 -13.82
N PRO C 1 -5.58 9.36 -11.98
CA PRO C 1 -5.14 8.06 -11.45
C PRO C 1 -3.87 8.13 -10.61
N MET C 2 -3.61 7.06 -9.85
N MET C 2 -3.61 7.02 -9.91
CA MET C 2 -2.34 6.96 -9.20
CA MET C 2 -2.45 6.84 -9.06
C MET C 2 -1.79 5.56 -9.42
C MET C 2 -1.81 5.52 -9.43
N PHE C 3 -0.52 5.51 -9.76
CA PHE C 3 0.19 4.27 -10.07
C PHE C 3 1.40 4.13 -9.19
N ILE C 4 1.52 3.00 -8.49
CA ILE C 4 2.62 2.75 -7.62
C ILE C 4 3.34 1.46 -8.05
N VAL C 5 4.66 1.50 -8.09
CA VAL C 5 5.48 0.34 -8.36
C VAL C 5 6.44 0.10 -7.22
N ASN C 6 6.41 -1.10 -6.64
CA ASN C 6 7.39 -1.50 -5.63
C ASN C 6 8.24 -2.61 -6.24
N THR C 7 9.55 -2.46 -6.15
CA THR C 7 10.45 -3.39 -6.86
C THR C 7 11.76 -3.59 -6.12
N ASN C 8 12.34 -4.78 -6.28
CA ASN C 8 13.68 -5.06 -5.76
C ASN C 8 14.82 -4.58 -6.68
N VAL C 9 14.52 -4.04 -7.84
CA VAL C 9 15.62 -3.57 -8.72
C VAL C 9 16.23 -2.30 -8.11
N PRO C 10 17.55 -2.11 -8.25
CA PRO C 10 18.20 -0.97 -7.60
C PRO C 10 17.81 0.39 -8.17
N ARG C 11 17.88 1.41 -7.32
CA ARG C 11 17.53 2.78 -7.67
C ARG C 11 18.25 3.22 -8.94
N ALA C 12 19.52 2.86 -9.05
CA ALA C 12 20.34 3.29 -10.22
C ALA C 12 19.89 2.67 -11.55
N SER C 13 19.14 1.56 -11.51
CA SER C 13 18.54 0.97 -12.70
C SER C 13 17.20 1.61 -13.13
N VAL C 14 16.69 2.55 -12.36
CA VAL C 14 15.49 3.26 -12.76
C VAL C 14 15.89 4.43 -13.66
N PRO C 15 15.49 4.40 -14.95
CA PRO C 15 15.89 5.47 -15.85
C PRO C 15 15.40 6.86 -15.45
N ASP C 16 16.28 7.84 -15.64
CA ASP C 16 15.84 9.21 -15.76
C ASP C 16 14.83 9.22 -16.91
N GLY C 17 13.67 9.79 -16.62
CA GLY C 17 12.56 9.87 -17.55
C GLY C 17 11.41 8.96 -17.14
N PHE C 18 11.67 8.02 -16.23
CA PHE C 18 10.71 6.94 -15.98
C PHE C 18 9.37 7.42 -15.42
N LEU C 19 9.40 8.27 -14.40
CA LEU C 19 8.17 8.80 -13.86
C LEU C 19 7.41 9.60 -14.94
N SER C 20 8.11 10.41 -15.73
CA SER C 20 7.45 11.18 -16.81
C SER C 20 6.84 10.28 -17.84
N GLU C 21 7.56 9.22 -18.17
CA GLU C 21 7.06 8.26 -19.14
C GLU C 21 5.82 7.55 -18.62
N LEU C 22 5.82 7.15 -17.35
CA LEU C 22 4.61 6.54 -16.80
C LEU C 22 3.43 7.49 -16.80
N THR C 23 3.70 8.75 -16.44
CA THR C 23 2.67 9.77 -16.40
C THR C 23 2.00 9.90 -17.78
N GLN C 24 2.83 10.04 -18.81
CA GLN C 24 2.30 10.26 -20.17
C GLN C 24 1.59 9.01 -20.71
N GLN C 25 2.16 7.85 -20.48
CA GLN C 25 1.58 6.62 -20.99
C GLN C 25 0.27 6.34 -20.30
N LEU C 26 0.19 6.66 -19.01
CA LEU C 26 -1.07 6.40 -18.32
C LEU C 26 -2.14 7.41 -18.72
N ALA C 27 -1.74 8.65 -18.99
CA ALA C 27 -2.67 9.67 -19.49
C ALA C 27 -3.32 9.17 -20.78
N GLN C 28 -2.50 8.67 -21.69
CA GLN C 28 -3.00 8.18 -22.96
C GLN C 28 -3.87 6.93 -22.79
N ALA C 29 -3.42 5.98 -21.96
CA ALA C 29 -4.15 4.72 -21.74
C ALA C 29 -5.49 4.92 -21.07
N THR C 30 -5.56 5.81 -20.08
CA THR C 30 -6.78 6.03 -19.31
C THR C 30 -7.68 7.12 -19.88
N GLY C 31 -7.08 7.99 -20.71
CA GLY C 31 -7.77 9.17 -21.21
C GLY C 31 -7.88 10.28 -20.16
N LYS C 32 -7.23 10.10 -19.02
CA LYS C 32 -7.35 11.06 -17.91
C LYS C 32 -6.33 12.14 -18.15
N PRO C 33 -6.60 13.38 -17.68
CA PRO C 33 -5.61 14.44 -17.89
C PRO C 33 -4.33 14.20 -17.09
N PRO C 34 -3.17 14.46 -17.69
CA PRO C 34 -1.91 14.20 -17.03
C PRO C 34 -1.70 14.99 -15.73
N GLN C 35 -2.36 16.14 -15.61
CA GLN C 35 -2.17 16.95 -14.40
C GLN C 35 -2.72 16.29 -13.14
N TYR C 36 -3.61 15.33 -13.30
CA TYR C 36 -4.17 14.59 -12.19
C TYR C 36 -3.55 13.20 -11.98
N ILE C 37 -2.52 12.86 -12.75
CA ILE C 37 -1.91 11.53 -12.63
C ILE C 37 -0.72 11.58 -11.68
N ALA C 38 -0.73 10.69 -10.68
CA ALA C 38 0.37 10.57 -9.74
C ALA C 38 1.04 9.23 -9.92
N VAL C 39 2.36 9.23 -9.86
CA VAL C 39 3.17 8.04 -10.05
C VAL C 39 4.20 7.96 -8.95
N HIS C 40 4.50 6.73 -8.53
CA HIS C 40 5.34 6.51 -7.35
C HIS C 40 6.11 5.22 -7.56
N VAL C 41 7.44 5.32 -7.56
CA VAL C 41 8.31 4.17 -7.80
C VAL C 41 9.20 3.95 -6.57
N VAL C 42 9.24 2.69 -6.09
CA VAL C 42 9.93 2.33 -4.86
C VAL C 42 10.91 1.19 -5.14
N PRO C 43 12.18 1.53 -5.37
CA PRO C 43 13.20 0.55 -5.66
C PRO C 43 13.86 0.02 -4.41
N ASP C 44 14.83 -0.87 -4.62
CA ASP C 44 15.63 -1.45 -3.55
C ASP C 44 14.83 -2.21 -2.47
N GLN C 45 13.67 -2.73 -2.83
CA GLN C 45 12.82 -3.42 -1.85
C GLN C 45 13.22 -4.86 -1.59
N LEU C 46 12.93 -5.28 -0.39
CA LEU C 46 13.17 -6.66 0.03
C LEU C 46 11.92 -7.43 -0.33
N MET C 47 11.99 -8.20 -1.42
CA MET C 47 10.85 -8.89 -1.98
C MET C 47 11.21 -10.25 -2.48
N ALA C 48 10.22 -11.12 -2.54
CA ALA C 48 10.34 -12.40 -3.20
C ALA C 48 9.07 -12.64 -3.99
N PHE C 49 9.22 -13.35 -5.11
CA PHE C 49 8.11 -13.72 -5.98
C PHE C 49 8.34 -15.18 -6.29
N GLY C 50 7.41 -16.02 -5.86
CA GLY C 50 7.60 -17.48 -5.95
C GLY C 50 8.74 -18.01 -5.14
N GLY C 51 9.16 -17.28 -4.12
CA GLY C 51 10.32 -17.62 -3.30
C GLY C 51 11.67 -17.25 -3.86
N SER C 52 11.70 -16.59 -5.01
N SER C 52 11.72 -16.62 -5.02
CA SER C 52 12.91 -16.18 -5.71
CA SER C 52 12.98 -16.22 -5.61
C SER C 52 13.06 -14.67 -5.59
C SER C 52 13.09 -14.70 -5.62
N SER C 53 14.31 -14.21 -5.49
CA SER C 53 14.60 -12.78 -5.41
C SER C 53 15.13 -12.21 -6.73
N GLU C 54 14.90 -12.91 -7.84
CA GLU C 54 15.11 -12.32 -9.16
C GLU C 54 14.23 -11.05 -9.27
N PRO C 55 14.55 -10.15 -10.21
CA PRO C 55 13.77 -8.93 -10.36
C PRO C 55 12.27 -9.20 -10.42
N CYS C 56 11.52 -8.42 -9.65
CA CYS C 56 10.07 -8.52 -9.63
C CYS C 56 9.47 -7.18 -9.28
N ALA C 57 8.15 -7.10 -9.40
CA ALA C 57 7.43 -5.87 -9.02
C ALA C 57 6.05 -6.12 -8.56
N LEU C 58 5.63 -5.38 -7.55
CA LEU C 58 4.26 -5.38 -7.09
C LEU C 58 3.74 -3.96 -7.24
N CYS C 59 2.62 -3.82 -7.93
CA CYS C 59 2.12 -2.50 -8.37
C CYS C 59 0.65 -2.35 -8.08
N SER C 60 0.18 -1.10 -8.07
N SER C 60 0.19 -1.09 -8.09
CA SER C 60 -1.24 -0.85 -8.06
CA SER C 60 -1.21 -0.74 -7.90
C SER C 60 -1.56 0.34 -8.94
C SER C 60 -1.56 0.36 -8.90
N LEU C 61 -2.71 0.24 -9.59
CA LEU C 61 -3.28 1.34 -10.36
C LEU C 61 -4.68 1.63 -9.82
N HIS C 62 -4.88 2.86 -9.31
CA HIS C 62 -6.17 3.28 -8.81
C HIS C 62 -6.70 4.30 -9.80
N SER C 63 -7.97 4.20 -10.14
CA SER C 63 -8.64 5.19 -11.01
C SER C 63 -10.10 5.32 -10.66
N ILE C 64 -10.66 6.51 -10.87
CA ILE C 64 -12.09 6.70 -10.73
C ILE C 64 -12.69 6.33 -12.09
N GLY C 65 -13.18 5.10 -12.19
CA GLY C 65 -13.60 4.55 -13.46
C GLY C 65 -12.43 4.20 -14.36
N LYS C 66 -12.74 3.80 -15.60
CA LYS C 66 -11.73 3.36 -16.57
C LYS C 66 -11.00 2.09 -16.10
N ILE C 67 -11.70 1.31 -15.30
CA ILE C 67 -11.19 0.06 -14.77
C ILE C 67 -12.19 -1.03 -15.13
N GLY C 68 -11.70 -2.15 -15.67
CA GLY C 68 -12.58 -3.29 -15.96
C GLY C 68 -11.86 -4.37 -16.75
N GLY C 69 -12.59 -5.43 -17.10
CA GLY C 69 -12.02 -6.59 -17.79
C GLY C 69 -11.03 -6.28 -18.87
N ALA C 70 -11.52 -5.73 -19.99
CA ALA C 70 -10.67 -5.50 -21.15
C ALA C 70 -9.66 -4.38 -20.91
N GLN C 71 -10.09 -3.32 -20.25
CA GLN C 71 -9.19 -2.19 -20.00
C GLN C 71 -8.00 -2.63 -19.16
N ASN C 72 -8.27 -3.45 -18.14
CA ASN C 72 -7.18 -3.95 -17.26
C ASN C 72 -6.19 -4.87 -18.00
N ARG C 73 -6.68 -5.65 -18.96
CA ARG C 73 -5.75 -6.44 -19.78
C ARG C 73 -4.82 -5.52 -20.55
N SER C 74 -5.40 -4.47 -21.16
CA SER C 74 -4.64 -3.49 -21.91
C SER C 74 -3.60 -2.76 -21.04
N TYR C 75 -4.03 -2.32 -19.85
CA TYR C 75 -3.11 -1.71 -18.89
C TYR C 75 -1.97 -2.65 -18.54
N SER C 76 -2.27 -3.95 -18.36
CA SER C 76 -1.22 -4.88 -17.95
C SER C 76 -0.19 -5.07 -19.05
N LYS C 77 -0.65 -5.14 -20.31
CA LYS C 77 0.27 -5.24 -21.42
C LYS C 77 1.15 -4.00 -21.48
N LEU C 78 0.53 -2.84 -21.32
CA LEU C 78 1.27 -1.57 -21.32
C LEU C 78 2.33 -1.53 -20.24
N LEU C 79 1.89 -1.82 -19.02
CA LEU C 79 2.73 -1.60 -17.85
C LEU C 79 3.80 -2.68 -17.68
N CYS C 80 3.48 -3.94 -17.95
CA CYS C 80 4.52 -4.96 -17.99
C CYS C 80 5.53 -4.66 -19.09
N GLY C 81 5.08 -4.14 -20.22
CA GLY C 81 6.00 -3.81 -21.30
C GLY C 81 6.98 -2.76 -20.82
N LEU C 82 6.45 -1.74 -20.16
CA LEU C 82 7.30 -0.70 -19.57
C LEU C 82 8.31 -1.23 -18.52
N LEU C 83 7.84 -2.09 -17.60
CA LEU C 83 8.71 -2.64 -16.54
C LEU C 83 9.80 -3.57 -17.13
N ALA C 84 9.43 -4.31 -18.17
CA ALA C 84 10.39 -5.15 -18.92
C ALA C 84 11.46 -4.32 -19.65
N GLU C 85 11.01 -3.34 -20.43
CA GLU C 85 11.92 -2.52 -21.25
C GLU C 85 12.83 -1.64 -20.37
N ARG C 86 12.24 -0.99 -19.35
CA ARG C 86 12.98 0.02 -18.58
C ARG C 86 13.65 -0.52 -17.34
N LEU C 87 13.01 -1.49 -16.67
CA LEU C 87 13.56 -2.04 -15.43
C LEU C 87 14.06 -3.49 -15.56
N ARG C 88 13.88 -4.10 -16.71
CA ARG C 88 14.38 -5.46 -16.98
C ARG C 88 13.66 -6.51 -16.11
N ILE C 89 12.39 -6.27 -15.83
CA ILE C 89 11.62 -7.21 -15.05
C ILE C 89 10.76 -8.05 -15.99
N SER C 90 10.85 -9.37 -15.82
CA SER C 90 10.03 -10.30 -16.59
C SER C 90 8.55 -10.14 -16.26
N PRO C 91 7.67 -10.11 -17.29
CA PRO C 91 6.25 -9.92 -17.06
C PRO C 91 5.60 -10.94 -16.15
N ASP C 92 6.13 -12.17 -16.10
CA ASP C 92 5.61 -13.17 -15.15
C ASP C 92 6.10 -13.02 -13.71
N ARG C 93 6.82 -11.94 -13.43
CA ARG C 93 7.23 -11.62 -12.06
C ARG C 93 6.69 -10.24 -11.66
N VAL C 94 5.55 -9.87 -12.23
CA VAL C 94 4.88 -8.61 -11.97
C VAL C 94 3.44 -8.90 -11.60
N TYR C 95 3.00 -8.32 -10.48
CA TYR C 95 1.58 -8.24 -10.20
C TYR C 95 1.14 -6.80 -10.15
N ILE C 96 -0.05 -6.55 -10.66
CA ILE C 96 -0.66 -5.20 -10.68
C ILE C 96 -2.05 -5.32 -10.13
N ASN C 97 -2.32 -4.64 -9.02
CA ASN C 97 -3.64 -4.63 -8.43
C ASN C 97 -4.43 -3.40 -8.98
N TYR C 98 -5.59 -3.64 -9.58
CA TYR C 98 -6.40 -2.54 -10.13
C TYR C 98 -7.49 -2.18 -9.16
N TYR C 99 -7.73 -0.88 -8.93
CA TYR C 99 -8.80 -0.46 -8.02
C TYR C 99 -9.68 0.60 -8.67
N ASP C 100 -10.97 0.29 -8.78
CA ASP C 100 -11.98 1.23 -9.29
C ASP C 100 -12.51 2.00 -8.09
N MET C 101 -12.02 3.22 -7.91
CA MET C 101 -12.32 4.01 -6.72
C MET C 101 -13.60 4.81 -6.93
N ASN C 102 -14.44 4.83 -5.91
CA ASN C 102 -15.58 5.72 -5.86
C ASN C 102 -15.06 7.12 -5.64
N ALA C 103 -15.63 8.09 -6.33
CA ALA C 103 -15.14 9.45 -6.22
C ALA C 103 -15.21 10.02 -4.79
N ALA C 104 -16.23 9.60 -4.04
CA ALA C 104 -16.41 9.98 -2.63
C ALA C 104 -15.30 9.44 -1.76
N ASN C 105 -14.59 8.42 -2.23
CA ASN C 105 -13.49 7.82 -1.44
C ASN C 105 -12.11 8.27 -1.92
N VAL C 106 -12.06 9.32 -2.74
CA VAL C 106 -10.81 9.92 -3.14
C VAL C 106 -10.75 11.40 -2.72
N GLY C 107 -9.93 11.67 -1.70
CA GLY C 107 -9.69 13.02 -1.24
C GLY C 107 -8.61 13.75 -2.03
N TRP C 108 -8.83 15.05 -2.23
CA TRP C 108 -7.89 15.92 -2.92
C TRP C 108 -8.24 17.35 -2.56
N ASN C 109 -7.23 18.14 -2.26
CA ASN C 109 -7.42 19.59 -2.01
C ASN C 109 -8.65 19.92 -1.21
N ASN C 110 -8.66 19.44 0.04
CA ASN C 110 -9.66 19.84 1.02
C ASN C 110 -11.07 19.39 0.72
N SER C 111 -11.22 18.40 -0.16
CA SER C 111 -12.52 17.84 -0.47
C SER C 111 -12.36 16.42 -1.02
N THR C 112 -13.38 15.93 -1.69
CA THR C 112 -13.29 14.71 -2.45
C THR C 112 -13.65 15.04 -3.89
N PHE C 113 -13.54 14.02 -4.74
CA PHE C 113 -13.96 14.15 -6.13
C PHE C 113 -15.44 13.93 -6.39
N ALA C 114 -16.21 13.58 -5.37
CA ALA C 114 -17.63 13.35 -5.57
C ALA C 114 -18.35 14.66 -5.94
S SO4 D . -21.42 10.25 5.47
O1 SO4 D . -19.97 10.32 5.70
O2 SO4 D . -22.11 10.80 6.65
O3 SO4 D . -21.92 11.10 4.37
O4 SO4 D . -21.76 8.84 5.16
N8 NVS E . -9.88 -0.03 13.71
C9 NVS E . -10.60 0.61 12.75
O10 NVS E . -10.02 0.74 11.51
C11 NVS E . -8.97 -0.06 11.14
C12 NVS E . -8.19 -0.69 12.08
C13 NVS E . -8.50 -0.48 13.56
O14 NVS E . -11.70 1.12 12.94
C21 NVS E . -8.70 -0.22 9.78
C22 NVS E . -7.64 -1.01 9.36
C23 NVS E . -6.84 -1.64 10.31
C24 NVS E . -7.13 -1.47 11.66
O25 NVS E . -7.42 -1.17 8.01
C1 NVS E . -10.50 -0.21 14.96
C2 NVS E . -10.86 0.90 15.72
C3 NVS E . -11.48 0.74 16.96
C4 NVS E . -11.72 -0.53 17.44
C5 NVS E . -11.37 -1.64 16.68
C6 NVS E . -10.75 -1.47 15.44
O7 NVS E . -12.34 -0.66 18.67
C8 NVS E . -12.21 -1.89 19.37
S SO4 F . -5.08 -0.93 -1.02
O1 SO4 F . -4.16 -2.04 -1.32
O2 SO4 F . -4.78 -0.43 0.34
O3 SO4 F . -4.87 0.15 -2.00
O4 SO4 F . -6.49 -1.38 -1.09
C1 GOL G . -10.34 -0.03 25.56
O1 GOL G . -9.47 0.45 24.51
C2 GOL G . -10.88 1.11 26.45
O2 GOL G . -9.82 1.93 27.03
C3 GOL G . -11.86 1.94 25.64
O3 GOL G . -12.37 2.99 26.46
C1 GOL H . -20.96 6.13 10.50
O1 GOL H . -20.28 6.19 9.23
C2 GOL H . -20.82 4.71 11.02
O2 GOL H . -19.66 4.14 10.43
C3 GOL H . -20.68 4.60 12.55
O3 GOL H . -19.78 3.54 12.90
C1 IPA I . -20.73 19.84 3.04
C2 IPA I . -20.72 18.56 3.86
C3 IPA I . -22.13 18.08 4.11
O2 IPA I . -20.01 17.55 3.17
S SO4 J . -14.82 -18.47 5.67
O1 SO4 J . -14.81 -19.96 5.56
O2 SO4 J . -15.52 -18.10 6.93
O3 SO4 J . -13.40 -18.01 5.65
O4 SO4 J . -15.57 -17.84 4.57
N8 NVS K . -2.92 -14.95 -7.19
C9 NVS K . -3.90 -14.84 -6.22
O10 NVS K . -3.98 -13.70 -5.47
C11 NVS K . -3.32 -12.58 -5.90
C12 NVS K . -2.26 -12.65 -6.80
C13 NVS K . -1.83 -13.98 -7.38
O14 NVS K . -4.69 -15.75 -5.93
C21 NVS K . -3.78 -11.37 -5.41
C22 NVS K . -3.14 -10.22 -5.80
C23 NVS K . -2.09 -10.28 -6.70
C24 NVS K . -1.64 -11.49 -7.21
O25 NVS K . -3.60 -9.03 -5.33
C1 NVS K . -2.83 -16.14 -7.97
C2 NVS K . -2.25 -17.29 -7.41
C3 NVS K . -2.10 -18.46 -8.16
C4 NVS K . -2.55 -18.52 -9.47
C5 NVS K . -3.15 -17.39 -10.02
C6 NVS K . -3.27 -16.20 -9.28
O7 NVS K . -2.47 -19.66 -10.28
C8 NVS K . -1.51 -20.68 -9.97
S SO4 L . 10.89 7.30 19.44
O1 SO4 L . 11.37 6.22 20.34
O2 SO4 L . 11.66 8.52 19.74
O3 SO4 L . 11.10 6.96 18.01
O4 SO4 L . 9.43 7.55 19.61
S SO4 M . 20.80 -13.70 10.14
O1 SO4 M . 21.59 -14.95 10.02
O2 SO4 M . 21.34 -12.85 11.19
O3 SO4 M . 20.99 -13.03 8.83
O4 SO4 M . 19.42 -14.12 10.44
C1 GOL N . 16.52 -14.55 2.86
O1 GOL N . 17.01 -13.57 3.80
C2 GOL N . 15.07 -14.29 2.50
O2 GOL N . 14.40 -13.65 3.54
C3 GOL N . 14.30 -15.56 2.28
O3 GOL N . 14.97 -16.35 1.32
C1 IPA O . -14.51 -13.15 -7.62
C2 IPA O . -14.02 -13.52 -9.02
C3 IPA O . -14.67 -12.59 -10.02
O2 IPA O . -12.58 -13.48 -9.20
S SO4 P . -14.13 -3.19 -19.86
O1 SO4 P . -12.79 -2.71 -19.42
O2 SO4 P . -15.17 -2.94 -18.82
O3 SO4 P . -14.42 -2.48 -21.12
O4 SO4 P . -14.17 -4.66 -20.09
N8 NVS Q . -8.27 10.83 -10.47
C9 NVS Q . -8.76 9.58 -10.83
O10 NVS Q . -8.27 8.50 -10.15
C11 NVS Q . -7.70 8.65 -8.91
C12 NVS Q . -7.16 9.86 -8.53
C13 NVS Q . -7.23 11.05 -9.48
O14 NVS Q . -9.56 9.36 -11.75
C21 NVS Q . -7.68 7.56 -8.05
C22 NVS Q . -7.09 7.66 -6.80
C23 NVS Q . -6.56 8.87 -6.40
C24 NVS Q . -6.60 9.97 -7.28
O25 NVS Q . -7.07 6.60 -5.95
C1 NVS Q . -8.80 11.93 -11.18
C2 NVS Q . -8.42 12.16 -12.50
C3 NVS Q . -8.94 13.25 -13.21
C4 NVS Q . -9.86 14.11 -12.59
C5 NVS Q . -10.24 13.88 -11.28
C6 NVS Q . -9.71 12.80 -10.57
O7 NVS Q . -10.42 15.20 -13.23
C8 NVS Q . -9.70 15.87 -14.25
C1 IPA R . 10.98 11.31 -14.55
C2 IPA R . 12.20 10.92 -13.74
C3 IPA R . 12.14 9.56 -13.04
O2 IPA R . 13.35 10.87 -14.60
#